data_2ILA
# 
_entry.id   2ILA 
# 
_audit_conform.dict_name       mmcif_pdbx.dic 
_audit_conform.dict_version    5.387 
_audit_conform.dict_location   http://mmcif.pdb.org/dictionaries/ascii/mmcif_pdbx.dic 
# 
loop_
_database_2.database_id 
_database_2.database_code 
_database_2.pdbx_database_accession 
_database_2.pdbx_DOI 
PDB   2ILA         pdb_00002ila 10.2210/pdb2ila/pdb 
WWPDB D_1000178255 ?            ?                   
# 
loop_
_pdbx_audit_revision_history.ordinal 
_pdbx_audit_revision_history.data_content_type 
_pdbx_audit_revision_history.major_revision 
_pdbx_audit_revision_history.minor_revision 
_pdbx_audit_revision_history.revision_date 
1 'Structure model' 1 0 1992-10-15 
2 'Structure model' 1 1 2008-03-24 
3 'Structure model' 1 2 2011-07-13 
4 'Structure model' 1 3 2024-02-21 
# 
_pdbx_audit_revision_details.ordinal             1 
_pdbx_audit_revision_details.revision_ordinal    1 
_pdbx_audit_revision_details.data_content_type   'Structure model' 
_pdbx_audit_revision_details.provider            repository 
_pdbx_audit_revision_details.type                'Initial release' 
_pdbx_audit_revision_details.description         ? 
_pdbx_audit_revision_details.details             ? 
# 
loop_
_pdbx_audit_revision_group.ordinal 
_pdbx_audit_revision_group.revision_ordinal 
_pdbx_audit_revision_group.data_content_type 
_pdbx_audit_revision_group.group 
1 2 'Structure model' 'Version format compliance' 
2 3 'Structure model' 'Version format compliance' 
3 4 'Structure model' 'Data collection'           
4 4 'Structure model' 'Database references'       
5 4 'Structure model' Other                       
# 
loop_
_pdbx_audit_revision_category.ordinal 
_pdbx_audit_revision_category.revision_ordinal 
_pdbx_audit_revision_category.data_content_type 
_pdbx_audit_revision_category.category 
1 4 'Structure model' chem_comp_atom       
2 4 'Structure model' chem_comp_bond       
3 4 'Structure model' database_2           
4 4 'Structure model' pdbx_database_status 
5 4 'Structure model' struct_ref_seq_dif   
# 
loop_
_pdbx_audit_revision_item.ordinal 
_pdbx_audit_revision_item.revision_ordinal 
_pdbx_audit_revision_item.data_content_type 
_pdbx_audit_revision_item.item 
1 4 'Structure model' '_database_2.pdbx_DOI'                
2 4 'Structure model' '_database_2.pdbx_database_accession' 
3 4 'Structure model' '_pdbx_database_status.process_site'  
4 4 'Structure model' '_struct_ref_seq_dif.details'         
# 
_pdbx_database_status.status_code                     REL 
_pdbx_database_status.entry_id                        2ILA 
_pdbx_database_status.recvd_initial_deposition_date   1991-05-01 
_pdbx_database_status.deposit_site                    ? 
_pdbx_database_status.process_site                    BNL 
_pdbx_database_status.SG_entry                        . 
_pdbx_database_status.pdb_format_compatible           Y 
_pdbx_database_status.status_code_mr                  ? 
_pdbx_database_status.status_code_sf                  ? 
_pdbx_database_status.status_code_cs                  ? 
_pdbx_database_status.status_code_nmr_data            ? 
_pdbx_database_status.methods_development_category    ? 
# 
loop_
_audit_author.name 
_audit_author.pdbx_ordinal 
'Graves, B.J.' 1 
'Hatada, M.H.' 2 
# 
_citation.id                        primary 
_citation.title                     'Structure of interleukin 1 alpha at 2.7-A resolution.' 
_citation.journal_abbrev            Biochemistry 
_citation.journal_volume            29 
_citation.page_first                2679 
_citation.page_last                 2684 
_citation.year                      1990 
_citation.journal_id_ASTM           BICHAW 
_citation.country                   US 
_citation.journal_id_ISSN           0006-2960 
_citation.journal_id_CSD            0033 
_citation.book_publisher            ? 
_citation.pdbx_database_id_PubMed   2346741 
_citation.pdbx_database_id_DOI      10.1021/bi00463a009 
# 
loop_
_citation_author.citation_id 
_citation_author.name 
_citation_author.ordinal 
_citation_author.identifier_ORCID 
primary 'Graves, B.J.'      1 ? 
primary 'Hatada, M.H.'      2 ? 
primary 'Hendrickson, W.A.' 3 ? 
primary 'Miller, J.K.'      4 ? 
primary 'Madison, V.S.'     5 ? 
primary 'Satow, Y.'         6 ? 
# 
_entity.id                         1 
_entity.type                       polymer 
_entity.src_method                 man 
_entity.pdbx_description           'INTERLEUKIN-1 ALPHA' 
_entity.formula_weight             17618.033 
_entity.pdbx_number_of_molecules   1 
_entity.pdbx_ec                    ? 
_entity.pdbx_mutation              ? 
_entity.pdbx_fragment              ? 
_entity.details                    ? 
# 
_entity_poly.entity_id                      1 
_entity_poly.type                           'polypeptide(L)' 
_entity_poly.nstd_linkage                   no 
_entity_poly.nstd_monomer                   no 
_entity_poly.pdbx_seq_one_letter_code       
;SFLSNVKYNFMRIIKYEFILNDALNQSIIRANAQYLTAAALHNLDEAVKFDMGAYKSSKDDAKITVILRISKTQLYVTAQ
DEDQPVLLKEMPEIPKTITGSETNLLFFWETHGTKNYFTSVAHPNLFIATKQDYWVCLAGGPPSITDFQILENQA
;
_entity_poly.pdbx_seq_one_letter_code_can   
;SFLSNVKYNFMRIIKYEFILNDALNQSIIRANAQYLTAAALHNLDEAVKFDMGAYKSSKDDAKITVILRISKTQLYVTAQ
DEDQPVLLKEMPEIPKTITGSETNLLFFWETHGTKNYFTSVAHPNLFIATKQDYWVCLAGGPPSITDFQILENQA
;
_entity_poly.pdbx_strand_id                 A 
_entity_poly.pdbx_target_identifier         ? 
# 
loop_
_entity_poly_seq.entity_id 
_entity_poly_seq.num 
_entity_poly_seq.mon_id 
_entity_poly_seq.hetero 
1 1   SER n 
1 2   PHE n 
1 3   LEU n 
1 4   SER n 
1 5   ASN n 
1 6   VAL n 
1 7   LYS n 
1 8   TYR n 
1 9   ASN n 
1 10  PHE n 
1 11  MET n 
1 12  ARG n 
1 13  ILE n 
1 14  ILE n 
1 15  LYS n 
1 16  TYR n 
1 17  GLU n 
1 18  PHE n 
1 19  ILE n 
1 20  LEU n 
1 21  ASN n 
1 22  ASP n 
1 23  ALA n 
1 24  LEU n 
1 25  ASN n 
1 26  GLN n 
1 27  SER n 
1 28  ILE n 
1 29  ILE n 
1 30  ARG n 
1 31  ALA n 
1 32  ASN n 
1 33  ALA n 
1 34  GLN n 
1 35  TYR n 
1 36  LEU n 
1 37  THR n 
1 38  ALA n 
1 39  ALA n 
1 40  ALA n 
1 41  LEU n 
1 42  HIS n 
1 43  ASN n 
1 44  LEU n 
1 45  ASP n 
1 46  GLU n 
1 47  ALA n 
1 48  VAL n 
1 49  LYS n 
1 50  PHE n 
1 51  ASP n 
1 52  MET n 
1 53  GLY n 
1 54  ALA n 
1 55  TYR n 
1 56  LYS n 
1 57  SER n 
1 58  SER n 
1 59  LYS n 
1 60  ASP n 
1 61  ASP n 
1 62  ALA n 
1 63  LYS n 
1 64  ILE n 
1 65  THR n 
1 66  VAL n 
1 67  ILE n 
1 68  LEU n 
1 69  ARG n 
1 70  ILE n 
1 71  SER n 
1 72  LYS n 
1 73  THR n 
1 74  GLN n 
1 75  LEU n 
1 76  TYR n 
1 77  VAL n 
1 78  THR n 
1 79  ALA n 
1 80  GLN n 
1 81  ASP n 
1 82  GLU n 
1 83  ASP n 
1 84  GLN n 
1 85  PRO n 
1 86  VAL n 
1 87  LEU n 
1 88  LEU n 
1 89  LYS n 
1 90  GLU n 
1 91  MET n 
1 92  PRO n 
1 93  GLU n 
1 94  ILE n 
1 95  PRO n 
1 96  LYS n 
1 97  THR n 
1 98  ILE n 
1 99  THR n 
1 100 GLY n 
1 101 SER n 
1 102 GLU n 
1 103 THR n 
1 104 ASN n 
1 105 LEU n 
1 106 LEU n 
1 107 PHE n 
1 108 PHE n 
1 109 TRP n 
1 110 GLU n 
1 111 THR n 
1 112 HIS n 
1 113 GLY n 
1 114 THR n 
1 115 LYS n 
1 116 ASN n 
1 117 TYR n 
1 118 PHE n 
1 119 THR n 
1 120 SER n 
1 121 VAL n 
1 122 ALA n 
1 123 HIS n 
1 124 PRO n 
1 125 ASN n 
1 126 LEU n 
1 127 PHE n 
1 128 ILE n 
1 129 ALA n 
1 130 THR n 
1 131 LYS n 
1 132 GLN n 
1 133 ASP n 
1 134 TYR n 
1 135 TRP n 
1 136 VAL n 
1 137 CYS n 
1 138 LEU n 
1 139 ALA n 
1 140 GLY n 
1 141 GLY n 
1 142 PRO n 
1 143 PRO n 
1 144 SER n 
1 145 ILE n 
1 146 THR n 
1 147 ASP n 
1 148 PHE n 
1 149 GLN n 
1 150 ILE n 
1 151 LEU n 
1 152 GLU n 
1 153 ASN n 
1 154 GLN n 
1 155 ALA n 
# 
_entity_src_gen.entity_id                          1 
_entity_src_gen.pdbx_src_id                        1 
_entity_src_gen.pdbx_alt_source_flag               sample 
_entity_src_gen.pdbx_seq_type                      ? 
_entity_src_gen.pdbx_beg_seq_num                   ? 
_entity_src_gen.pdbx_end_seq_num                   ? 
_entity_src_gen.gene_src_common_name               human 
_entity_src_gen.gene_src_genus                     Homo 
_entity_src_gen.pdbx_gene_src_gene                 ? 
_entity_src_gen.gene_src_species                   ? 
_entity_src_gen.gene_src_strain                    ? 
_entity_src_gen.gene_src_tissue                    ? 
_entity_src_gen.gene_src_tissue_fraction           ? 
_entity_src_gen.gene_src_details                   ? 
_entity_src_gen.pdbx_gene_src_fragment             ? 
_entity_src_gen.pdbx_gene_src_scientific_name      'Homo sapiens' 
_entity_src_gen.pdbx_gene_src_ncbi_taxonomy_id     9606 
_entity_src_gen.pdbx_gene_src_variant              ? 
_entity_src_gen.pdbx_gene_src_cell_line            ? 
_entity_src_gen.pdbx_gene_src_atcc                 ? 
_entity_src_gen.pdbx_gene_src_organ                ? 
_entity_src_gen.pdbx_gene_src_organelle            ? 
_entity_src_gen.pdbx_gene_src_cell                 ? 
_entity_src_gen.pdbx_gene_src_cellular_location    ? 
_entity_src_gen.host_org_common_name               ? 
_entity_src_gen.pdbx_host_org_scientific_name      'Escherichia coli' 
_entity_src_gen.pdbx_host_org_ncbi_taxonomy_id     562 
_entity_src_gen.host_org_genus                     Escherichia 
_entity_src_gen.pdbx_host_org_gene                 ? 
_entity_src_gen.pdbx_host_org_organ                ? 
_entity_src_gen.host_org_species                   ? 
_entity_src_gen.pdbx_host_org_tissue               ? 
_entity_src_gen.pdbx_host_org_tissue_fraction      ? 
_entity_src_gen.pdbx_host_org_strain               ? 
_entity_src_gen.pdbx_host_org_variant              ? 
_entity_src_gen.pdbx_host_org_cell_line            ? 
_entity_src_gen.pdbx_host_org_atcc                 ? 
_entity_src_gen.pdbx_host_org_culture_collection   ? 
_entity_src_gen.pdbx_host_org_cell                 ? 
_entity_src_gen.pdbx_host_org_organelle            ? 
_entity_src_gen.pdbx_host_org_cellular_location    ? 
_entity_src_gen.pdbx_host_org_vector_type          ? 
_entity_src_gen.pdbx_host_org_vector               ? 
_entity_src_gen.host_org_details                   ? 
_entity_src_gen.expression_system_id               ? 
_entity_src_gen.plasmid_name                       ? 
_entity_src_gen.plasmid_details                    ? 
_entity_src_gen.pdbx_description                   ? 
# 
loop_
_chem_comp.id 
_chem_comp.type 
_chem_comp.mon_nstd_flag 
_chem_comp.name 
_chem_comp.pdbx_synonyms 
_chem_comp.formula 
_chem_comp.formula_weight 
ALA 'L-peptide linking' y ALANINE         ? 'C3 H7 N O2'     89.093  
ARG 'L-peptide linking' y ARGININE        ? 'C6 H15 N4 O2 1' 175.209 
ASN 'L-peptide linking' y ASPARAGINE      ? 'C4 H8 N2 O3'    132.118 
ASP 'L-peptide linking' y 'ASPARTIC ACID' ? 'C4 H7 N O4'     133.103 
CYS 'L-peptide linking' y CYSTEINE        ? 'C3 H7 N O2 S'   121.158 
GLN 'L-peptide linking' y GLUTAMINE       ? 'C5 H10 N2 O3'   146.144 
GLU 'L-peptide linking' y 'GLUTAMIC ACID' ? 'C5 H9 N O4'     147.129 
GLY 'peptide linking'   y GLYCINE         ? 'C2 H5 N O2'     75.067  
HIS 'L-peptide linking' y HISTIDINE       ? 'C6 H10 N3 O2 1' 156.162 
ILE 'L-peptide linking' y ISOLEUCINE      ? 'C6 H13 N O2'    131.173 
LEU 'L-peptide linking' y LEUCINE         ? 'C6 H13 N O2'    131.173 
LYS 'L-peptide linking' y LYSINE          ? 'C6 H15 N2 O2 1' 147.195 
MET 'L-peptide linking' y METHIONINE      ? 'C5 H11 N O2 S'  149.211 
PHE 'L-peptide linking' y PHENYLALANINE   ? 'C9 H11 N O2'    165.189 
PRO 'L-peptide linking' y PROLINE         ? 'C5 H9 N O2'     115.130 
SER 'L-peptide linking' y SERINE          ? 'C3 H7 N O3'     105.093 
THR 'L-peptide linking' y THREONINE       ? 'C4 H9 N O3'     119.119 
TRP 'L-peptide linking' y TRYPTOPHAN      ? 'C11 H12 N2 O2'  204.225 
TYR 'L-peptide linking' y TYROSINE        ? 'C9 H11 N O3'    181.189 
VAL 'L-peptide linking' y VALINE          ? 'C5 H11 N O2'    117.146 
# 
loop_
_pdbx_poly_seq_scheme.asym_id 
_pdbx_poly_seq_scheme.entity_id 
_pdbx_poly_seq_scheme.seq_id 
_pdbx_poly_seq_scheme.mon_id 
_pdbx_poly_seq_scheme.ndb_seq_num 
_pdbx_poly_seq_scheme.pdb_seq_num 
_pdbx_poly_seq_scheme.auth_seq_num 
_pdbx_poly_seq_scheme.pdb_mon_id 
_pdbx_poly_seq_scheme.auth_mon_id 
_pdbx_poly_seq_scheme.pdb_strand_id 
_pdbx_poly_seq_scheme.pdb_ins_code 
_pdbx_poly_seq_scheme.hetero 
A 1 1   SER 1   1   ?   ?   ?   A . n 
A 1 2   PHE 2   2   ?   ?   ?   A . n 
A 1 3   LEU 3   3   ?   ?   ?   A . n 
A 1 4   SER 4   4   ?   ?   ?   A . n 
A 1 5   ASN 5   5   5   ASN ASN A . n 
A 1 6   VAL 6   6   6   VAL VAL A . n 
A 1 7   LYS 7   7   7   LYS LYS A . n 
A 1 8   TYR 8   8   8   TYR TYR A . n 
A 1 9   ASN 9   9   9   ASN ASN A . n 
A 1 10  PHE 10  10  10  PHE PHE A . n 
A 1 11  MET 11  11  11  MET MET A . n 
A 1 12  ARG 12  12  12  ARG ARG A . n 
A 1 13  ILE 13  13  13  ILE ILE A . n 
A 1 14  ILE 14  14  14  ILE ILE A . n 
A 1 15  LYS 15  15  15  LYS LYS A . n 
A 1 16  TYR 16  16  16  TYR TYR A . n 
A 1 17  GLU 17  17  17  GLU GLU A . n 
A 1 18  PHE 18  18  18  PHE PHE A . n 
A 1 19  ILE 19  19  19  ILE ILE A . n 
A 1 20  LEU 20  20  20  LEU LEU A . n 
A 1 21  ASN 21  21  21  ASN ASN A . n 
A 1 22  ASP 22  22  22  ASP ASP A . n 
A 1 23  ALA 23  23  23  ALA ALA A . n 
A 1 24  LEU 24  24  24  LEU LEU A . n 
A 1 25  ASN 25  25  25  ASN ASN A . n 
A 1 26  GLN 26  26  26  GLN GLN A . n 
A 1 27  SER 27  27  27  SER SER A . n 
A 1 28  ILE 28  28  28  ILE ILE A . n 
A 1 29  ILE 29  29  29  ILE ILE A . n 
A 1 30  ARG 30  30  30  ARG ARG A . n 
A 1 31  ALA 31  31  31  ALA ALA A . n 
A 1 32  ASN 32  32  32  ASN ASN A . n 
A 1 33  ALA 33  33  33  ALA ALA A . n 
A 1 34  GLN 34  34  34  GLN GLN A . n 
A 1 35  TYR 35  35  35  TYR TYR A . n 
A 1 36  LEU 36  36  36  LEU LEU A . n 
A 1 37  THR 37  37  37  THR THR A . n 
A 1 38  ALA 38  38  38  ALA ALA A . n 
A 1 39  ALA 39  39  39  ALA ALA A . n 
A 1 40  ALA 40  40  40  ALA ALA A . n 
A 1 41  LEU 41  41  41  LEU LEU A . n 
A 1 42  HIS 42  42  42  HIS HIS A . n 
A 1 43  ASN 43  43  43  ASN ASN A . n 
A 1 44  LEU 44  44  44  LEU LEU A . n 
A 1 45  ASP 45  45  45  ASP ASP A . n 
A 1 46  GLU 46  46  46  GLU GLU A . n 
A 1 47  ALA 47  47  47  ALA ALA A . n 
A 1 48  VAL 48  48  48  VAL VAL A . n 
A 1 49  LYS 49  49  49  LYS LYS A . n 
A 1 50  PHE 50  50  50  PHE PHE A . n 
A 1 51  ASP 51  51  51  ASP ASP A . n 
A 1 52  MET 52  52  52  MET MET A . n 
A 1 53  GLY 53  53  53  GLY GLY A . n 
A 1 54  ALA 54  54  54  ALA ALA A . n 
A 1 55  TYR 55  55  55  TYR TYR A . n 
A 1 56  LYS 56  56  56  LYS LYS A . n 
A 1 57  SER 57  57  57  SER SER A . n 
A 1 58  SER 58  58  58  SER SER A . n 
A 1 59  LYS 59  59  ?   ?   ?   A . n 
A 1 60  ASP 60  60  ?   ?   ?   A . n 
A 1 61  ASP 61  61  ?   ?   ?   A . n 
A 1 62  ALA 62  62  62  ALA ALA A . n 
A 1 63  LYS 63  63  63  LYS LYS A . n 
A 1 64  ILE 64  64  64  ILE ILE A . n 
A 1 65  THR 65  65  65  THR THR A . n 
A 1 66  VAL 66  66  66  VAL VAL A . n 
A 1 67  ILE 67  67  67  ILE ILE A . n 
A 1 68  LEU 68  68  68  LEU LEU A . n 
A 1 69  ARG 69  69  69  ARG ARG A . n 
A 1 70  ILE 70  70  70  ILE ILE A . n 
A 1 71  SER 71  71  71  SER SER A . n 
A 1 72  LYS 72  72  72  LYS LYS A . n 
A 1 73  THR 73  73  73  THR THR A . n 
A 1 74  GLN 74  74  74  GLN GLN A . n 
A 1 75  LEU 75  75  75  LEU LEU A . n 
A 1 76  TYR 76  76  76  TYR TYR A . n 
A 1 77  VAL 77  77  77  VAL VAL A . n 
A 1 78  THR 78  78  78  THR THR A . n 
A 1 79  ALA 79  79  79  ALA ALA A . n 
A 1 80  GLN 80  80  80  GLN GLN A . n 
A 1 81  ASP 81  81  81  ASP ASP A . n 
A 1 82  GLU 82  82  82  GLU GLU A . n 
A 1 83  ASP 83  83  83  ASP ASP A . n 
A 1 84  GLN 84  84  84  GLN GLN A . n 
A 1 85  PRO 85  85  85  PRO PRO A . n 
A 1 86  VAL 86  86  86  VAL VAL A . n 
A 1 87  LEU 87  87  87  LEU LEU A . n 
A 1 88  LEU 88  88  88  LEU LEU A . n 
A 1 89  LYS 89  89  89  LYS LYS A . n 
A 1 90  GLU 90  90  90  GLU GLU A . n 
A 1 91  MET 91  91  91  MET MET A . n 
A 1 92  PRO 92  92  92  PRO PRO A . n 
A 1 93  GLU 93  93  93  GLU GLU A . n 
A 1 94  ILE 94  94  94  ILE ILE A . n 
A 1 95  PRO 95  95  95  PRO PRO A . n 
A 1 96  LYS 96  96  96  LYS LYS A . n 
A 1 97  THR 97  97  97  THR THR A . n 
A 1 98  ILE 98  98  98  ILE ILE A . n 
A 1 99  THR 99  99  99  THR THR A . n 
A 1 100 GLY 100 100 100 GLY GLY A . n 
A 1 101 SER 101 101 101 SER SER A . n 
A 1 102 GLU 102 102 102 GLU GLU A . n 
A 1 103 THR 103 103 103 THR THR A . n 
A 1 104 ASN 104 104 104 ASN ASN A . n 
A 1 105 LEU 105 105 105 LEU LEU A . n 
A 1 106 LEU 106 106 106 LEU LEU A . n 
A 1 107 PHE 107 107 107 PHE PHE A . n 
A 1 108 PHE 108 108 108 PHE PHE A . n 
A 1 109 TRP 109 109 109 TRP TRP A . n 
A 1 110 GLU 110 110 110 GLU GLU A . n 
A 1 111 THR 111 111 111 THR THR A . n 
A 1 112 HIS 112 112 112 HIS HIS A . n 
A 1 113 GLY 113 113 113 GLY GLY A . n 
A 1 114 THR 114 114 114 THR THR A . n 
A 1 115 LYS 115 115 115 LYS LYS A . n 
A 1 116 ASN 116 116 116 ASN ASN A . n 
A 1 117 TYR 117 117 117 TYR TYR A . n 
A 1 118 PHE 118 118 118 PHE PHE A . n 
A 1 119 THR 119 119 119 THR THR A . n 
A 1 120 SER 120 120 120 SER SER A . n 
A 1 121 VAL 121 121 121 VAL VAL A . n 
A 1 122 ALA 122 122 122 ALA ALA A . n 
A 1 123 HIS 123 123 123 HIS HIS A . n 
A 1 124 PRO 124 124 124 PRO PRO A . n 
A 1 125 ASN 125 125 125 ASN ASN A . n 
A 1 126 LEU 126 126 126 LEU LEU A . n 
A 1 127 PHE 127 127 127 PHE PHE A . n 
A 1 128 ILE 128 128 128 ILE ILE A . n 
A 1 129 ALA 129 129 129 ALA ALA A . n 
A 1 130 THR 130 130 130 THR THR A . n 
A 1 131 LYS 131 131 131 LYS LYS A . n 
A 1 132 GLN 132 132 132 GLN GLN A . n 
A 1 133 ASP 133 133 133 ASP ASP A . n 
A 1 134 TYR 134 134 134 TYR TYR A . n 
A 1 135 TRP 135 135 135 TRP TRP A . n 
A 1 136 VAL 136 136 136 VAL VAL A . n 
A 1 137 CYS 137 137 137 CYS CYS A . n 
A 1 138 LEU 138 138 138 LEU LEU A . n 
A 1 139 ALA 139 139 139 ALA ALA A . n 
A 1 140 GLY 140 140 140 GLY GLY A . n 
A 1 141 GLY 141 141 141 GLY GLY A . n 
A 1 142 PRO 142 142 142 PRO PRO A . n 
A 1 143 PRO 143 143 143 PRO PRO A . n 
A 1 144 SER 144 144 144 SER SER A . n 
A 1 145 ILE 145 145 145 ILE ILE A . n 
A 1 146 THR 146 146 146 THR THR A . n 
A 1 147 ASP 147 147 147 ASP ASP A . n 
A 1 148 PHE 148 148 148 PHE PHE A . n 
A 1 149 GLN 149 149 149 GLN GLN A . n 
A 1 150 ILE 150 150 150 ILE ILE A . n 
A 1 151 LEU 151 151 151 LEU LEU A . n 
A 1 152 GLU 152 152 152 GLU GLU A . n 
A 1 153 ASN 153 153 ?   ?   ?   A . n 
A 1 154 GLN 154 154 ?   ?   ?   A . n 
A 1 155 ALA 155 155 ?   ?   ?   A . n 
# 
loop_
_software.name 
_software.classification 
_software.version 
_software.citation_id 
_software.pdbx_ordinal 
X-PLOR 'model building' . ? 1 
X-PLOR refinement       . ? 2 
X-PLOR phasing          . ? 3 
# 
_cell.entry_id           2ILA 
_cell.length_a           31.970 
_cell.length_b           54.520 
_cell.length_c           45.630 
_cell.angle_alpha        90.00 
_cell.angle_beta         108.63 
_cell.angle_gamma        90.00 
_cell.Z_PDB              2 
_cell.pdbx_unique_axis   ? 
# 
_symmetry.entry_id                         2ILA 
_symmetry.space_group_name_H-M             'P 1 21 1' 
_symmetry.pdbx_full_space_group_name_H-M   ? 
_symmetry.cell_setting                     ? 
_symmetry.Int_Tables_number                4 
# 
_exptl.entry_id          2ILA 
_exptl.method            'X-RAY DIFFRACTION' 
_exptl.crystals_number   ? 
# 
_exptl_crystal.id                    1 
_exptl_crystal.density_meas          ? 
_exptl_crystal.density_Matthews      2.14 
_exptl_crystal.density_percent_sol   42.47 
_exptl_crystal.description           ? 
# 
_diffrn.id                     1 
_diffrn.crystal_id             1 
_diffrn.ambient_temp           ? 
_diffrn.ambient_temp_details   ? 
# 
_refine.entry_id                                 2ILA 
_refine.ls_number_reflns_obs                     ? 
_refine.ls_number_reflns_all                     ? 
_refine.pdbx_ls_sigma_I                          ? 
_refine.pdbx_ls_sigma_F                          ? 
_refine.pdbx_data_cutoff_high_absF               ? 
_refine.pdbx_data_cutoff_low_absF                ? 
_refine.pdbx_data_cutoff_high_rms_absF           ? 
_refine.ls_d_res_low                             ? 
_refine.ls_d_res_high                            2.3 
_refine.ls_percent_reflns_obs                    ? 
_refine.ls_R_factor_obs                          ? 
_refine.ls_R_factor_all                          ? 
_refine.ls_R_factor_R_work                       0.1900000 
_refine.ls_R_factor_R_free                       ? 
_refine.ls_R_factor_R_free_error                 ? 
_refine.ls_R_factor_R_free_error_details         ? 
_refine.ls_percent_reflns_R_free                 ? 
_refine.ls_number_reflns_R_free                  ? 
_refine.ls_number_parameters                     ? 
_refine.ls_number_restraints                     ? 
_refine.occupancy_min                            ? 
_refine.occupancy_max                            ? 
_refine.B_iso_mean                               ? 
_refine.aniso_B[1][1]                            ? 
_refine.aniso_B[2][2]                            ? 
_refine.aniso_B[3][3]                            ? 
_refine.aniso_B[1][2]                            ? 
_refine.aniso_B[1][3]                            ? 
_refine.aniso_B[2][3]                            ? 
_refine.solvent_model_details                    ? 
_refine.solvent_model_param_ksol                 ? 
_refine.solvent_model_param_bsol                 ? 
_refine.pdbx_ls_cross_valid_method               ? 
_refine.details                                  ? 
_refine.pdbx_starting_model                      ? 
_refine.pdbx_method_to_determine_struct          ? 
_refine.pdbx_isotropic_thermal_model             ? 
_refine.pdbx_stereochemistry_target_values       ? 
_refine.pdbx_stereochem_target_val_spec_case     ? 
_refine.pdbx_R_Free_selection_details            ? 
_refine.pdbx_overall_ESU_R                       ? 
_refine.pdbx_overall_ESU_R_Free                  ? 
_refine.overall_SU_ML                            ? 
_refine.overall_SU_B                             ? 
_refine.pdbx_refine_id                           'X-RAY DIFFRACTION' 
_refine.pdbx_diffrn_id                           1 
_refine.pdbx_TLS_residual_ADP_flag               ? 
_refine.correlation_coeff_Fo_to_Fc               ? 
_refine.correlation_coeff_Fo_to_Fc_free          ? 
_refine.pdbx_solvent_vdw_probe_radii             ? 
_refine.pdbx_solvent_ion_probe_radii             ? 
_refine.pdbx_solvent_shrinkage_radii             ? 
_refine.pdbx_overall_phase_error                 ? 
_refine.overall_SU_R_Cruickshank_DPI             ? 
_refine.pdbx_overall_SU_R_free_Cruickshank_DPI   ? 
_refine.pdbx_overall_SU_R_Blow_DPI               ? 
_refine.pdbx_overall_SU_R_free_Blow_DPI          ? 
# 
_refine_hist.pdbx_refine_id                   'X-RAY DIFFRACTION' 
_refine_hist.cycle_id                         LAST 
_refine_hist.pdbx_number_atoms_protein        145 
_refine_hist.pdbx_number_atoms_nucleic_acid   0 
_refine_hist.pdbx_number_atoms_ligand         0 
_refine_hist.number_atoms_solvent             0 
_refine_hist.number_atoms_total               145 
_refine_hist.d_res_high                       2.3 
_refine_hist.d_res_low                        . 
# 
_struct.entry_id                  2ILA 
_struct.title                     'STRUCTURE OF INTERLEUKIN 1ALPHA AT 2.7-ANGSTROMS RESOLUTION' 
_struct.pdbx_model_details        ? 
_struct.pdbx_CASP_flag            ? 
_struct.pdbx_model_type_details   ? 
# 
_struct_keywords.entry_id        2ILA 
_struct_keywords.pdbx_keywords   CYTOKINE 
_struct_keywords.text            CYTOKINE 
# 
_struct_asym.id                            A 
_struct_asym.pdbx_blank_PDB_chainid_flag   N 
_struct_asym.pdbx_modified                 N 
_struct_asym.entity_id                     1 
_struct_asym.details                       ? 
# 
_struct_ref.id                         1 
_struct_ref.db_name                    UNP 
_struct_ref.db_code                    IL1A_HUMAN 
_struct_ref.entity_id                  1 
_struct_ref.pdbx_db_accession          P01583 
_struct_ref.pdbx_align_begin           1 
_struct_ref.pdbx_seq_one_letter_code   
;MAKVPDMFEDLKNCYSENEEDSSSIDHLSLNQKSFYHVSYGPLHEGCMDQSVSLSISETSKTSKLTFKESMVVVATNGKV
LKKRRLSLSQSITDDDLEAIANDSEEEIIKPRSAPFSFLSNVKYNFMRIIKYEFILNDALNQSIIRANDQYLTAAALHNL
DEAVKFDMGAYKSSKDDAKITVILRISKTQLYVTAQDEDQPVLLKEMPEIPKTITGSETNLLFFWETHGTKNYFTSVAHP
NLFIATKQDYWVCLAGGPPSITDFQILENQA
;
_struct_ref.pdbx_db_isoform            ? 
# 
_struct_ref_seq.align_id                      1 
_struct_ref_seq.ref_id                        1 
_struct_ref_seq.pdbx_PDB_id_code              2ILA 
_struct_ref_seq.pdbx_strand_id                A 
_struct_ref_seq.seq_align_beg                 1 
_struct_ref_seq.pdbx_seq_align_beg_ins_code   ? 
_struct_ref_seq.seq_align_end                 155 
_struct_ref_seq.pdbx_seq_align_end_ins_code   ? 
_struct_ref_seq.pdbx_db_accession             P01583 
_struct_ref_seq.db_align_beg                  117 
_struct_ref_seq.pdbx_db_align_beg_ins_code    ? 
_struct_ref_seq.db_align_end                  271 
_struct_ref_seq.pdbx_db_align_end_ins_code    ? 
_struct_ref_seq.pdbx_auth_seq_align_beg       1 
_struct_ref_seq.pdbx_auth_seq_align_end       155 
# 
_struct_ref_seq_dif.align_id                     1 
_struct_ref_seq_dif.pdbx_pdb_id_code             2ILA 
_struct_ref_seq_dif.mon_id                       ALA 
_struct_ref_seq_dif.pdbx_pdb_strand_id           A 
_struct_ref_seq_dif.seq_num                      33 
_struct_ref_seq_dif.pdbx_pdb_ins_code            ? 
_struct_ref_seq_dif.pdbx_seq_db_name             UNP 
_struct_ref_seq_dif.pdbx_seq_db_accession_code   P01583 
_struct_ref_seq_dif.db_mon_id                    ASP 
_struct_ref_seq_dif.pdbx_seq_db_seq_num          149 
_struct_ref_seq_dif.details                      conflict 
_struct_ref_seq_dif.pdbx_auth_seq_num            33 
_struct_ref_seq_dif.pdbx_ordinal                 1 
# 
_pdbx_struct_assembly.id                   1 
_pdbx_struct_assembly.details              author_defined_assembly 
_pdbx_struct_assembly.method_details       ? 
_pdbx_struct_assembly.oligomeric_details   monomeric 
_pdbx_struct_assembly.oligomeric_count     1 
# 
_pdbx_struct_assembly_gen.assembly_id       1 
_pdbx_struct_assembly_gen.oper_expression   1 
_pdbx_struct_assembly_gen.asym_id_list      A 
# 
_pdbx_struct_oper_list.id                   1 
_pdbx_struct_oper_list.type                 'identity operation' 
_pdbx_struct_oper_list.name                 1_555 
_pdbx_struct_oper_list.symmetry_operation   x,y,z 
_pdbx_struct_oper_list.matrix[1][1]         1.0000000000 
_pdbx_struct_oper_list.matrix[1][2]         0.0000000000 
_pdbx_struct_oper_list.matrix[1][3]         0.0000000000 
_pdbx_struct_oper_list.vector[1]            0.0000000000 
_pdbx_struct_oper_list.matrix[2][1]         0.0000000000 
_pdbx_struct_oper_list.matrix[2][2]         1.0000000000 
_pdbx_struct_oper_list.matrix[2][3]         0.0000000000 
_pdbx_struct_oper_list.vector[2]            0.0000000000 
_pdbx_struct_oper_list.matrix[3][1]         0.0000000000 
_pdbx_struct_oper_list.matrix[3][2]         0.0000000000 
_pdbx_struct_oper_list.matrix[3][3]         1.0000000000 
_pdbx_struct_oper_list.vector[3]            0.0000000000 
# 
_struct_biol.id   1 
# 
loop_
_pdbx_unobs_or_zero_occ_residues.id 
_pdbx_unobs_or_zero_occ_residues.PDB_model_num 
_pdbx_unobs_or_zero_occ_residues.polymer_flag 
_pdbx_unobs_or_zero_occ_residues.occupancy_flag 
_pdbx_unobs_or_zero_occ_residues.auth_asym_id 
_pdbx_unobs_or_zero_occ_residues.auth_comp_id 
_pdbx_unobs_or_zero_occ_residues.auth_seq_id 
_pdbx_unobs_or_zero_occ_residues.PDB_ins_code 
_pdbx_unobs_or_zero_occ_residues.label_asym_id 
_pdbx_unobs_or_zero_occ_residues.label_comp_id 
_pdbx_unobs_or_zero_occ_residues.label_seq_id 
1  1 Y 1 A SER 1   ? A SER 1   
2  1 Y 1 A PHE 2   ? A PHE 2   
3  1 Y 1 A LEU 3   ? A LEU 3   
4  1 Y 1 A SER 4   ? A SER 4   
5  1 Y 1 A LYS 59  ? A LYS 59  
6  1 Y 1 A ASP 60  ? A ASP 60  
7  1 Y 1 A ASP 61  ? A ASP 61  
8  1 Y 1 A ASN 153 ? A ASN 153 
9  1 Y 1 A GLN 154 ? A GLN 154 
10 1 Y 1 A ALA 155 ? A ALA 155 
# 
loop_
_chem_comp_atom.comp_id 
_chem_comp_atom.atom_id 
_chem_comp_atom.type_symbol 
_chem_comp_atom.pdbx_aromatic_flag 
_chem_comp_atom.pdbx_stereo_config 
_chem_comp_atom.pdbx_ordinal 
ALA N    N N N 1   
ALA CA   C N S 2   
ALA C    C N N 3   
ALA O    O N N 4   
ALA CB   C N N 5   
ALA OXT  O N N 6   
ALA H    H N N 7   
ALA H2   H N N 8   
ALA HA   H N N 9   
ALA HB1  H N N 10  
ALA HB2  H N N 11  
ALA HB3  H N N 12  
ALA HXT  H N N 13  
ARG N    N N N 14  
ARG CA   C N S 15  
ARG C    C N N 16  
ARG O    O N N 17  
ARG CB   C N N 18  
ARG CG   C N N 19  
ARG CD   C N N 20  
ARG NE   N N N 21  
ARG CZ   C N N 22  
ARG NH1  N N N 23  
ARG NH2  N N N 24  
ARG OXT  O N N 25  
ARG H    H N N 26  
ARG H2   H N N 27  
ARG HA   H N N 28  
ARG HB2  H N N 29  
ARG HB3  H N N 30  
ARG HG2  H N N 31  
ARG HG3  H N N 32  
ARG HD2  H N N 33  
ARG HD3  H N N 34  
ARG HE   H N N 35  
ARG HH11 H N N 36  
ARG HH12 H N N 37  
ARG HH21 H N N 38  
ARG HH22 H N N 39  
ARG HXT  H N N 40  
ASN N    N N N 41  
ASN CA   C N S 42  
ASN C    C N N 43  
ASN O    O N N 44  
ASN CB   C N N 45  
ASN CG   C N N 46  
ASN OD1  O N N 47  
ASN ND2  N N N 48  
ASN OXT  O N N 49  
ASN H    H N N 50  
ASN H2   H N N 51  
ASN HA   H N N 52  
ASN HB2  H N N 53  
ASN HB3  H N N 54  
ASN HD21 H N N 55  
ASN HD22 H N N 56  
ASN HXT  H N N 57  
ASP N    N N N 58  
ASP CA   C N S 59  
ASP C    C N N 60  
ASP O    O N N 61  
ASP CB   C N N 62  
ASP CG   C N N 63  
ASP OD1  O N N 64  
ASP OD2  O N N 65  
ASP OXT  O N N 66  
ASP H    H N N 67  
ASP H2   H N N 68  
ASP HA   H N N 69  
ASP HB2  H N N 70  
ASP HB3  H N N 71  
ASP HD2  H N N 72  
ASP HXT  H N N 73  
CYS N    N N N 74  
CYS CA   C N R 75  
CYS C    C N N 76  
CYS O    O N N 77  
CYS CB   C N N 78  
CYS SG   S N N 79  
CYS OXT  O N N 80  
CYS H    H N N 81  
CYS H2   H N N 82  
CYS HA   H N N 83  
CYS HB2  H N N 84  
CYS HB3  H N N 85  
CYS HG   H N N 86  
CYS HXT  H N N 87  
GLN N    N N N 88  
GLN CA   C N S 89  
GLN C    C N N 90  
GLN O    O N N 91  
GLN CB   C N N 92  
GLN CG   C N N 93  
GLN CD   C N N 94  
GLN OE1  O N N 95  
GLN NE2  N N N 96  
GLN OXT  O N N 97  
GLN H    H N N 98  
GLN H2   H N N 99  
GLN HA   H N N 100 
GLN HB2  H N N 101 
GLN HB3  H N N 102 
GLN HG2  H N N 103 
GLN HG3  H N N 104 
GLN HE21 H N N 105 
GLN HE22 H N N 106 
GLN HXT  H N N 107 
GLU N    N N N 108 
GLU CA   C N S 109 
GLU C    C N N 110 
GLU O    O N N 111 
GLU CB   C N N 112 
GLU CG   C N N 113 
GLU CD   C N N 114 
GLU OE1  O N N 115 
GLU OE2  O N N 116 
GLU OXT  O N N 117 
GLU H    H N N 118 
GLU H2   H N N 119 
GLU HA   H N N 120 
GLU HB2  H N N 121 
GLU HB3  H N N 122 
GLU HG2  H N N 123 
GLU HG3  H N N 124 
GLU HE2  H N N 125 
GLU HXT  H N N 126 
GLY N    N N N 127 
GLY CA   C N N 128 
GLY C    C N N 129 
GLY O    O N N 130 
GLY OXT  O N N 131 
GLY H    H N N 132 
GLY H2   H N N 133 
GLY HA2  H N N 134 
GLY HA3  H N N 135 
GLY HXT  H N N 136 
HIS N    N N N 137 
HIS CA   C N S 138 
HIS C    C N N 139 
HIS O    O N N 140 
HIS CB   C N N 141 
HIS CG   C Y N 142 
HIS ND1  N Y N 143 
HIS CD2  C Y N 144 
HIS CE1  C Y N 145 
HIS NE2  N Y N 146 
HIS OXT  O N N 147 
HIS H    H N N 148 
HIS H2   H N N 149 
HIS HA   H N N 150 
HIS HB2  H N N 151 
HIS HB3  H N N 152 
HIS HD1  H N N 153 
HIS HD2  H N N 154 
HIS HE1  H N N 155 
HIS HE2  H N N 156 
HIS HXT  H N N 157 
ILE N    N N N 158 
ILE CA   C N S 159 
ILE C    C N N 160 
ILE O    O N N 161 
ILE CB   C N S 162 
ILE CG1  C N N 163 
ILE CG2  C N N 164 
ILE CD1  C N N 165 
ILE OXT  O N N 166 
ILE H    H N N 167 
ILE H2   H N N 168 
ILE HA   H N N 169 
ILE HB   H N N 170 
ILE HG12 H N N 171 
ILE HG13 H N N 172 
ILE HG21 H N N 173 
ILE HG22 H N N 174 
ILE HG23 H N N 175 
ILE HD11 H N N 176 
ILE HD12 H N N 177 
ILE HD13 H N N 178 
ILE HXT  H N N 179 
LEU N    N N N 180 
LEU CA   C N S 181 
LEU C    C N N 182 
LEU O    O N N 183 
LEU CB   C N N 184 
LEU CG   C N N 185 
LEU CD1  C N N 186 
LEU CD2  C N N 187 
LEU OXT  O N N 188 
LEU H    H N N 189 
LEU H2   H N N 190 
LEU HA   H N N 191 
LEU HB2  H N N 192 
LEU HB3  H N N 193 
LEU HG   H N N 194 
LEU HD11 H N N 195 
LEU HD12 H N N 196 
LEU HD13 H N N 197 
LEU HD21 H N N 198 
LEU HD22 H N N 199 
LEU HD23 H N N 200 
LEU HXT  H N N 201 
LYS N    N N N 202 
LYS CA   C N S 203 
LYS C    C N N 204 
LYS O    O N N 205 
LYS CB   C N N 206 
LYS CG   C N N 207 
LYS CD   C N N 208 
LYS CE   C N N 209 
LYS NZ   N N N 210 
LYS OXT  O N N 211 
LYS H    H N N 212 
LYS H2   H N N 213 
LYS HA   H N N 214 
LYS HB2  H N N 215 
LYS HB3  H N N 216 
LYS HG2  H N N 217 
LYS HG3  H N N 218 
LYS HD2  H N N 219 
LYS HD3  H N N 220 
LYS HE2  H N N 221 
LYS HE3  H N N 222 
LYS HZ1  H N N 223 
LYS HZ2  H N N 224 
LYS HZ3  H N N 225 
LYS HXT  H N N 226 
MET N    N N N 227 
MET CA   C N S 228 
MET C    C N N 229 
MET O    O N N 230 
MET CB   C N N 231 
MET CG   C N N 232 
MET SD   S N N 233 
MET CE   C N N 234 
MET OXT  O N N 235 
MET H    H N N 236 
MET H2   H N N 237 
MET HA   H N N 238 
MET HB2  H N N 239 
MET HB3  H N N 240 
MET HG2  H N N 241 
MET HG3  H N N 242 
MET HE1  H N N 243 
MET HE2  H N N 244 
MET HE3  H N N 245 
MET HXT  H N N 246 
PHE N    N N N 247 
PHE CA   C N S 248 
PHE C    C N N 249 
PHE O    O N N 250 
PHE CB   C N N 251 
PHE CG   C Y N 252 
PHE CD1  C Y N 253 
PHE CD2  C Y N 254 
PHE CE1  C Y N 255 
PHE CE2  C Y N 256 
PHE CZ   C Y N 257 
PHE OXT  O N N 258 
PHE H    H N N 259 
PHE H2   H N N 260 
PHE HA   H N N 261 
PHE HB2  H N N 262 
PHE HB3  H N N 263 
PHE HD1  H N N 264 
PHE HD2  H N N 265 
PHE HE1  H N N 266 
PHE HE2  H N N 267 
PHE HZ   H N N 268 
PHE HXT  H N N 269 
PRO N    N N N 270 
PRO CA   C N S 271 
PRO C    C N N 272 
PRO O    O N N 273 
PRO CB   C N N 274 
PRO CG   C N N 275 
PRO CD   C N N 276 
PRO OXT  O N N 277 
PRO H    H N N 278 
PRO HA   H N N 279 
PRO HB2  H N N 280 
PRO HB3  H N N 281 
PRO HG2  H N N 282 
PRO HG3  H N N 283 
PRO HD2  H N N 284 
PRO HD3  H N N 285 
PRO HXT  H N N 286 
SER N    N N N 287 
SER CA   C N S 288 
SER C    C N N 289 
SER O    O N N 290 
SER CB   C N N 291 
SER OG   O N N 292 
SER OXT  O N N 293 
SER H    H N N 294 
SER H2   H N N 295 
SER HA   H N N 296 
SER HB2  H N N 297 
SER HB3  H N N 298 
SER HG   H N N 299 
SER HXT  H N N 300 
THR N    N N N 301 
THR CA   C N S 302 
THR C    C N N 303 
THR O    O N N 304 
THR CB   C N R 305 
THR OG1  O N N 306 
THR CG2  C N N 307 
THR OXT  O N N 308 
THR H    H N N 309 
THR H2   H N N 310 
THR HA   H N N 311 
THR HB   H N N 312 
THR HG1  H N N 313 
THR HG21 H N N 314 
THR HG22 H N N 315 
THR HG23 H N N 316 
THR HXT  H N N 317 
TRP N    N N N 318 
TRP CA   C N S 319 
TRP C    C N N 320 
TRP O    O N N 321 
TRP CB   C N N 322 
TRP CG   C Y N 323 
TRP CD1  C Y N 324 
TRP CD2  C Y N 325 
TRP NE1  N Y N 326 
TRP CE2  C Y N 327 
TRP CE3  C Y N 328 
TRP CZ2  C Y N 329 
TRP CZ3  C Y N 330 
TRP CH2  C Y N 331 
TRP OXT  O N N 332 
TRP H    H N N 333 
TRP H2   H N N 334 
TRP HA   H N N 335 
TRP HB2  H N N 336 
TRP HB3  H N N 337 
TRP HD1  H N N 338 
TRP HE1  H N N 339 
TRP HE3  H N N 340 
TRP HZ2  H N N 341 
TRP HZ3  H N N 342 
TRP HH2  H N N 343 
TRP HXT  H N N 344 
TYR N    N N N 345 
TYR CA   C N S 346 
TYR C    C N N 347 
TYR O    O N N 348 
TYR CB   C N N 349 
TYR CG   C Y N 350 
TYR CD1  C Y N 351 
TYR CD2  C Y N 352 
TYR CE1  C Y N 353 
TYR CE2  C Y N 354 
TYR CZ   C Y N 355 
TYR OH   O N N 356 
TYR OXT  O N N 357 
TYR H    H N N 358 
TYR H2   H N N 359 
TYR HA   H N N 360 
TYR HB2  H N N 361 
TYR HB3  H N N 362 
TYR HD1  H N N 363 
TYR HD2  H N N 364 
TYR HE1  H N N 365 
TYR HE2  H N N 366 
TYR HH   H N N 367 
TYR HXT  H N N 368 
VAL N    N N N 369 
VAL CA   C N S 370 
VAL C    C N N 371 
VAL O    O N N 372 
VAL CB   C N N 373 
VAL CG1  C N N 374 
VAL CG2  C N N 375 
VAL OXT  O N N 376 
VAL H    H N N 377 
VAL H2   H N N 378 
VAL HA   H N N 379 
VAL HB   H N N 380 
VAL HG11 H N N 381 
VAL HG12 H N N 382 
VAL HG13 H N N 383 
VAL HG21 H N N 384 
VAL HG22 H N N 385 
VAL HG23 H N N 386 
VAL HXT  H N N 387 
# 
loop_
_chem_comp_bond.comp_id 
_chem_comp_bond.atom_id_1 
_chem_comp_bond.atom_id_2 
_chem_comp_bond.value_order 
_chem_comp_bond.pdbx_aromatic_flag 
_chem_comp_bond.pdbx_stereo_config 
_chem_comp_bond.pdbx_ordinal 
ALA N   CA   sing N N 1   
ALA N   H    sing N N 2   
ALA N   H2   sing N N 3   
ALA CA  C    sing N N 4   
ALA CA  CB   sing N N 5   
ALA CA  HA   sing N N 6   
ALA C   O    doub N N 7   
ALA C   OXT  sing N N 8   
ALA CB  HB1  sing N N 9   
ALA CB  HB2  sing N N 10  
ALA CB  HB3  sing N N 11  
ALA OXT HXT  sing N N 12  
ARG N   CA   sing N N 13  
ARG N   H    sing N N 14  
ARG N   H2   sing N N 15  
ARG CA  C    sing N N 16  
ARG CA  CB   sing N N 17  
ARG CA  HA   sing N N 18  
ARG C   O    doub N N 19  
ARG C   OXT  sing N N 20  
ARG CB  CG   sing N N 21  
ARG CB  HB2  sing N N 22  
ARG CB  HB3  sing N N 23  
ARG CG  CD   sing N N 24  
ARG CG  HG2  sing N N 25  
ARG CG  HG3  sing N N 26  
ARG CD  NE   sing N N 27  
ARG CD  HD2  sing N N 28  
ARG CD  HD3  sing N N 29  
ARG NE  CZ   sing N N 30  
ARG NE  HE   sing N N 31  
ARG CZ  NH1  sing N N 32  
ARG CZ  NH2  doub N N 33  
ARG NH1 HH11 sing N N 34  
ARG NH1 HH12 sing N N 35  
ARG NH2 HH21 sing N N 36  
ARG NH2 HH22 sing N N 37  
ARG OXT HXT  sing N N 38  
ASN N   CA   sing N N 39  
ASN N   H    sing N N 40  
ASN N   H2   sing N N 41  
ASN CA  C    sing N N 42  
ASN CA  CB   sing N N 43  
ASN CA  HA   sing N N 44  
ASN C   O    doub N N 45  
ASN C   OXT  sing N N 46  
ASN CB  CG   sing N N 47  
ASN CB  HB2  sing N N 48  
ASN CB  HB3  sing N N 49  
ASN CG  OD1  doub N N 50  
ASN CG  ND2  sing N N 51  
ASN ND2 HD21 sing N N 52  
ASN ND2 HD22 sing N N 53  
ASN OXT HXT  sing N N 54  
ASP N   CA   sing N N 55  
ASP N   H    sing N N 56  
ASP N   H2   sing N N 57  
ASP CA  C    sing N N 58  
ASP CA  CB   sing N N 59  
ASP CA  HA   sing N N 60  
ASP C   O    doub N N 61  
ASP C   OXT  sing N N 62  
ASP CB  CG   sing N N 63  
ASP CB  HB2  sing N N 64  
ASP CB  HB3  sing N N 65  
ASP CG  OD1  doub N N 66  
ASP CG  OD2  sing N N 67  
ASP OD2 HD2  sing N N 68  
ASP OXT HXT  sing N N 69  
CYS N   CA   sing N N 70  
CYS N   H    sing N N 71  
CYS N   H2   sing N N 72  
CYS CA  C    sing N N 73  
CYS CA  CB   sing N N 74  
CYS CA  HA   sing N N 75  
CYS C   O    doub N N 76  
CYS C   OXT  sing N N 77  
CYS CB  SG   sing N N 78  
CYS CB  HB2  sing N N 79  
CYS CB  HB3  sing N N 80  
CYS SG  HG   sing N N 81  
CYS OXT HXT  sing N N 82  
GLN N   CA   sing N N 83  
GLN N   H    sing N N 84  
GLN N   H2   sing N N 85  
GLN CA  C    sing N N 86  
GLN CA  CB   sing N N 87  
GLN CA  HA   sing N N 88  
GLN C   O    doub N N 89  
GLN C   OXT  sing N N 90  
GLN CB  CG   sing N N 91  
GLN CB  HB2  sing N N 92  
GLN CB  HB3  sing N N 93  
GLN CG  CD   sing N N 94  
GLN CG  HG2  sing N N 95  
GLN CG  HG3  sing N N 96  
GLN CD  OE1  doub N N 97  
GLN CD  NE2  sing N N 98  
GLN NE2 HE21 sing N N 99  
GLN NE2 HE22 sing N N 100 
GLN OXT HXT  sing N N 101 
GLU N   CA   sing N N 102 
GLU N   H    sing N N 103 
GLU N   H2   sing N N 104 
GLU CA  C    sing N N 105 
GLU CA  CB   sing N N 106 
GLU CA  HA   sing N N 107 
GLU C   O    doub N N 108 
GLU C   OXT  sing N N 109 
GLU CB  CG   sing N N 110 
GLU CB  HB2  sing N N 111 
GLU CB  HB3  sing N N 112 
GLU CG  CD   sing N N 113 
GLU CG  HG2  sing N N 114 
GLU CG  HG3  sing N N 115 
GLU CD  OE1  doub N N 116 
GLU CD  OE2  sing N N 117 
GLU OE2 HE2  sing N N 118 
GLU OXT HXT  sing N N 119 
GLY N   CA   sing N N 120 
GLY N   H    sing N N 121 
GLY N   H2   sing N N 122 
GLY CA  C    sing N N 123 
GLY CA  HA2  sing N N 124 
GLY CA  HA3  sing N N 125 
GLY C   O    doub N N 126 
GLY C   OXT  sing N N 127 
GLY OXT HXT  sing N N 128 
HIS N   CA   sing N N 129 
HIS N   H    sing N N 130 
HIS N   H2   sing N N 131 
HIS CA  C    sing N N 132 
HIS CA  CB   sing N N 133 
HIS CA  HA   sing N N 134 
HIS C   O    doub N N 135 
HIS C   OXT  sing N N 136 
HIS CB  CG   sing N N 137 
HIS CB  HB2  sing N N 138 
HIS CB  HB3  sing N N 139 
HIS CG  ND1  sing Y N 140 
HIS CG  CD2  doub Y N 141 
HIS ND1 CE1  doub Y N 142 
HIS ND1 HD1  sing N N 143 
HIS CD2 NE2  sing Y N 144 
HIS CD2 HD2  sing N N 145 
HIS CE1 NE2  sing Y N 146 
HIS CE1 HE1  sing N N 147 
HIS NE2 HE2  sing N N 148 
HIS OXT HXT  sing N N 149 
ILE N   CA   sing N N 150 
ILE N   H    sing N N 151 
ILE N   H2   sing N N 152 
ILE CA  C    sing N N 153 
ILE CA  CB   sing N N 154 
ILE CA  HA   sing N N 155 
ILE C   O    doub N N 156 
ILE C   OXT  sing N N 157 
ILE CB  CG1  sing N N 158 
ILE CB  CG2  sing N N 159 
ILE CB  HB   sing N N 160 
ILE CG1 CD1  sing N N 161 
ILE CG1 HG12 sing N N 162 
ILE CG1 HG13 sing N N 163 
ILE CG2 HG21 sing N N 164 
ILE CG2 HG22 sing N N 165 
ILE CG2 HG23 sing N N 166 
ILE CD1 HD11 sing N N 167 
ILE CD1 HD12 sing N N 168 
ILE CD1 HD13 sing N N 169 
ILE OXT HXT  sing N N 170 
LEU N   CA   sing N N 171 
LEU N   H    sing N N 172 
LEU N   H2   sing N N 173 
LEU CA  C    sing N N 174 
LEU CA  CB   sing N N 175 
LEU CA  HA   sing N N 176 
LEU C   O    doub N N 177 
LEU C   OXT  sing N N 178 
LEU CB  CG   sing N N 179 
LEU CB  HB2  sing N N 180 
LEU CB  HB3  sing N N 181 
LEU CG  CD1  sing N N 182 
LEU CG  CD2  sing N N 183 
LEU CG  HG   sing N N 184 
LEU CD1 HD11 sing N N 185 
LEU CD1 HD12 sing N N 186 
LEU CD1 HD13 sing N N 187 
LEU CD2 HD21 sing N N 188 
LEU CD2 HD22 sing N N 189 
LEU CD2 HD23 sing N N 190 
LEU OXT HXT  sing N N 191 
LYS N   CA   sing N N 192 
LYS N   H    sing N N 193 
LYS N   H2   sing N N 194 
LYS CA  C    sing N N 195 
LYS CA  CB   sing N N 196 
LYS CA  HA   sing N N 197 
LYS C   O    doub N N 198 
LYS C   OXT  sing N N 199 
LYS CB  CG   sing N N 200 
LYS CB  HB2  sing N N 201 
LYS CB  HB3  sing N N 202 
LYS CG  CD   sing N N 203 
LYS CG  HG2  sing N N 204 
LYS CG  HG3  sing N N 205 
LYS CD  CE   sing N N 206 
LYS CD  HD2  sing N N 207 
LYS CD  HD3  sing N N 208 
LYS CE  NZ   sing N N 209 
LYS CE  HE2  sing N N 210 
LYS CE  HE3  sing N N 211 
LYS NZ  HZ1  sing N N 212 
LYS NZ  HZ2  sing N N 213 
LYS NZ  HZ3  sing N N 214 
LYS OXT HXT  sing N N 215 
MET N   CA   sing N N 216 
MET N   H    sing N N 217 
MET N   H2   sing N N 218 
MET CA  C    sing N N 219 
MET CA  CB   sing N N 220 
MET CA  HA   sing N N 221 
MET C   O    doub N N 222 
MET C   OXT  sing N N 223 
MET CB  CG   sing N N 224 
MET CB  HB2  sing N N 225 
MET CB  HB3  sing N N 226 
MET CG  SD   sing N N 227 
MET CG  HG2  sing N N 228 
MET CG  HG3  sing N N 229 
MET SD  CE   sing N N 230 
MET CE  HE1  sing N N 231 
MET CE  HE2  sing N N 232 
MET CE  HE3  sing N N 233 
MET OXT HXT  sing N N 234 
PHE N   CA   sing N N 235 
PHE N   H    sing N N 236 
PHE N   H2   sing N N 237 
PHE CA  C    sing N N 238 
PHE CA  CB   sing N N 239 
PHE CA  HA   sing N N 240 
PHE C   O    doub N N 241 
PHE C   OXT  sing N N 242 
PHE CB  CG   sing N N 243 
PHE CB  HB2  sing N N 244 
PHE CB  HB3  sing N N 245 
PHE CG  CD1  doub Y N 246 
PHE CG  CD2  sing Y N 247 
PHE CD1 CE1  sing Y N 248 
PHE CD1 HD1  sing N N 249 
PHE CD2 CE2  doub Y N 250 
PHE CD2 HD2  sing N N 251 
PHE CE1 CZ   doub Y N 252 
PHE CE1 HE1  sing N N 253 
PHE CE2 CZ   sing Y N 254 
PHE CE2 HE2  sing N N 255 
PHE CZ  HZ   sing N N 256 
PHE OXT HXT  sing N N 257 
PRO N   CA   sing N N 258 
PRO N   CD   sing N N 259 
PRO N   H    sing N N 260 
PRO CA  C    sing N N 261 
PRO CA  CB   sing N N 262 
PRO CA  HA   sing N N 263 
PRO C   O    doub N N 264 
PRO C   OXT  sing N N 265 
PRO CB  CG   sing N N 266 
PRO CB  HB2  sing N N 267 
PRO CB  HB3  sing N N 268 
PRO CG  CD   sing N N 269 
PRO CG  HG2  sing N N 270 
PRO CG  HG3  sing N N 271 
PRO CD  HD2  sing N N 272 
PRO CD  HD3  sing N N 273 
PRO OXT HXT  sing N N 274 
SER N   CA   sing N N 275 
SER N   H    sing N N 276 
SER N   H2   sing N N 277 
SER CA  C    sing N N 278 
SER CA  CB   sing N N 279 
SER CA  HA   sing N N 280 
SER C   O    doub N N 281 
SER C   OXT  sing N N 282 
SER CB  OG   sing N N 283 
SER CB  HB2  sing N N 284 
SER CB  HB3  sing N N 285 
SER OG  HG   sing N N 286 
SER OXT HXT  sing N N 287 
THR N   CA   sing N N 288 
THR N   H    sing N N 289 
THR N   H2   sing N N 290 
THR CA  C    sing N N 291 
THR CA  CB   sing N N 292 
THR CA  HA   sing N N 293 
THR C   O    doub N N 294 
THR C   OXT  sing N N 295 
THR CB  OG1  sing N N 296 
THR CB  CG2  sing N N 297 
THR CB  HB   sing N N 298 
THR OG1 HG1  sing N N 299 
THR CG2 HG21 sing N N 300 
THR CG2 HG22 sing N N 301 
THR CG2 HG23 sing N N 302 
THR OXT HXT  sing N N 303 
TRP N   CA   sing N N 304 
TRP N   H    sing N N 305 
TRP N   H2   sing N N 306 
TRP CA  C    sing N N 307 
TRP CA  CB   sing N N 308 
TRP CA  HA   sing N N 309 
TRP C   O    doub N N 310 
TRP C   OXT  sing N N 311 
TRP CB  CG   sing N N 312 
TRP CB  HB2  sing N N 313 
TRP CB  HB3  sing N N 314 
TRP CG  CD1  doub Y N 315 
TRP CG  CD2  sing Y N 316 
TRP CD1 NE1  sing Y N 317 
TRP CD1 HD1  sing N N 318 
TRP CD2 CE2  doub Y N 319 
TRP CD2 CE3  sing Y N 320 
TRP NE1 CE2  sing Y N 321 
TRP NE1 HE1  sing N N 322 
TRP CE2 CZ2  sing Y N 323 
TRP CE3 CZ3  doub Y N 324 
TRP CE3 HE3  sing N N 325 
TRP CZ2 CH2  doub Y N 326 
TRP CZ2 HZ2  sing N N 327 
TRP CZ3 CH2  sing Y N 328 
TRP CZ3 HZ3  sing N N 329 
TRP CH2 HH2  sing N N 330 
TRP OXT HXT  sing N N 331 
TYR N   CA   sing N N 332 
TYR N   H    sing N N 333 
TYR N   H2   sing N N 334 
TYR CA  C    sing N N 335 
TYR CA  CB   sing N N 336 
TYR CA  HA   sing N N 337 
TYR C   O    doub N N 338 
TYR C   OXT  sing N N 339 
TYR CB  CG   sing N N 340 
TYR CB  HB2  sing N N 341 
TYR CB  HB3  sing N N 342 
TYR CG  CD1  doub Y N 343 
TYR CG  CD2  sing Y N 344 
TYR CD1 CE1  sing Y N 345 
TYR CD1 HD1  sing N N 346 
TYR CD2 CE2  doub Y N 347 
TYR CD2 HD2  sing N N 348 
TYR CE1 CZ   doub Y N 349 
TYR CE1 HE1  sing N N 350 
TYR CE2 CZ   sing Y N 351 
TYR CE2 HE2  sing N N 352 
TYR CZ  OH   sing N N 353 
TYR OH  HH   sing N N 354 
TYR OXT HXT  sing N N 355 
VAL N   CA   sing N N 356 
VAL N   H    sing N N 357 
VAL N   H2   sing N N 358 
VAL CA  C    sing N N 359 
VAL CA  CB   sing N N 360 
VAL CA  HA   sing N N 361 
VAL C   O    doub N N 362 
VAL C   OXT  sing N N 363 
VAL CB  CG1  sing N N 364 
VAL CB  CG2  sing N N 365 
VAL CB  HB   sing N N 366 
VAL CG1 HG11 sing N N 367 
VAL CG1 HG12 sing N N 368 
VAL CG1 HG13 sing N N 369 
VAL CG2 HG21 sing N N 370 
VAL CG2 HG22 sing N N 371 
VAL CG2 HG23 sing N N 372 
VAL OXT HXT  sing N N 373 
# 
_pdbx_coordinate_model.asym_id   A 
_pdbx_coordinate_model.type      'CA ATOMS ONLY' 
# 
_atom_sites.entry_id                    2ILA 
_atom_sites.fract_transf_matrix[1][1]   0.02210229 
_atom_sites.fract_transf_matrix[1][2]   -0.00164076 
_atom_sites.fract_transf_matrix[1][3]   -0.02446159 
_atom_sites.fract_transf_matrix[2][1]   0.00260344 
_atom_sites.fract_transf_matrix[2][2]   0.01812067 
_atom_sites.fract_transf_matrix[2][3]   0.00113690 
_atom_sites.fract_transf_matrix[3][1]   0.02092411 
_atom_sites.fract_transf_matrix[3][2]   -0.00358196 
_atom_sites.fract_transf_matrix[3][3]   0.00917657 
_atom_sites.fract_transf_vector[1]      0.666348 
_atom_sites.fract_transf_vector[2]      1.247017 
_atom_sites.fract_transf_vector[3]      0.710689 
# 
_atom_type.symbol   C 
# 
loop_
_atom_site.group_PDB 
_atom_site.id 
_atom_site.type_symbol 
_atom_site.label_atom_id 
_atom_site.label_alt_id 
_atom_site.label_comp_id 
_atom_site.label_asym_id 
_atom_site.label_entity_id 
_atom_site.label_seq_id 
_atom_site.pdbx_PDB_ins_code 
_atom_site.Cartn_x 
_atom_site.Cartn_y 
_atom_site.Cartn_z 
_atom_site.occupancy 
_atom_site.B_iso_or_equiv 
_atom_site.pdbx_formal_charge 
_atom_site.auth_seq_id 
_atom_site.auth_comp_id 
_atom_site.auth_asym_id 
_atom_site.auth_atom_id 
_atom_site.pdbx_PDB_model_num 
ATOM 1   C CA . ASN A 1 5   ? 5.763   -13.019 17.313  1.00 58.29 ? 5   ASN A CA 1 
ATOM 2   C CA . VAL A 1 6   ? 3.391   -14.133 14.521  1.00 38.87 ? 6   VAL A CA 1 
ATOM 3   C CA . LYS A 1 7   ? 4.904   -15.409 11.376  1.00 26.49 ? 7   LYS A CA 1 
ATOM 4   C CA . TYR A 1 8   ? 3.232   -14.620 8.079   1.00 15.84 ? 8   TYR A CA 1 
ATOM 5   C CA . ASN A 1 9   ? 3.520   -16.788 5.031   1.00 14.27 ? 9   ASN A CA 1 
ATOM 6   C CA . PHE A 1 10  ? 3.050   -16.030 1.420   1.00 12.54 ? 10  PHE A CA 1 
ATOM 7   C CA . MET A 1 11  ? -0.192  -17.382 -0.134  1.00 17.69 ? 11  MET A CA 1 
ATOM 8   C CA . ARG A 1 12  ? -0.367  -15.860 -3.619  1.00 19.91 ? 12  ARG A CA 1 
ATOM 9   C CA . ILE A 1 13  ? -0.509  -12.737 -5.727  1.00 12.48 ? 13  ILE A CA 1 
ATOM 10  C CA . ILE A 1 14  ? -4.330  -12.081 -5.798  1.00 10.85 ? 14  ILE A CA 1 
ATOM 11  C CA . LYS A 1 15  ? -4.130  -8.863  -7.944  1.00 11.46 ? 15  LYS A CA 1 
ATOM 12  C CA . TYR A 1 16  ? -2.034  -7.998  -10.788 1.00 12.23 ? 16  TYR A CA 1 
ATOM 13  C CA . GLU A 1 17  ? -1.495  -4.594  -12.274 1.00 14.14 ? 17  GLU A CA 1 
ATOM 14  C CA . PHE A 1 18  ? -3.976  -2.404  -10.614 1.00 10.98 ? 18  PHE A CA 1 
ATOM 15  C CA . ILE A 1 19  ? -4.223  1.345   -10.013 1.00 11.65 ? 19  ILE A CA 1 
ATOM 16  C CA . LEU A 1 20  ? -5.034  3.091   -6.712  1.00 4.69  ? 20  LEU A CA 1 
ATOM 17  C CA . ASN A 1 21  ? -7.186  6.179   -6.757  1.00 7.63  ? 21  ASN A CA 1 
ATOM 18  C CA . ASP A 1 22  ? -8.008  8.023   -3.502  1.00 10.00 ? 22  ASP A CA 1 
ATOM 19  C CA . ALA A 1 23  ? -11.509 9.437   -2.626  1.00 9.66  ? 23  ALA A CA 1 
ATOM 20  C CA . LEU A 1 24  ? -10.826 12.644  -4.515  1.00 18.30 ? 24  LEU A CA 1 
ATOM 21  C CA . ASN A 1 25  ? -9.953  10.474  -7.504  1.00 16.73 ? 25  ASN A CA 1 
ATOM 22  C CA . GLN A 1 26  ? -6.204  11.193  -7.429  1.00 5.38  ? 26  GLN A CA 1 
ATOM 23  C CA . SER A 1 27  ? -4.045  8.415   -8.785  1.00 3.80  ? 27  SER A CA 1 
ATOM 24  C CA . ILE A 1 28  ? -1.066  7.332   -6.806  1.00 6.03  ? 28  ILE A CA 1 
ATOM 25  C CA . ILE A 1 29  ? 2.056   7.946   -8.875  1.00 9.88  ? 29  ILE A CA 1 
ATOM 26  C CA . ARG A 1 30  ? 5.808   7.984   -8.397  1.00 17.37 ? 30  ARG A CA 1 
ATOM 27  C CA . ALA A 1 31  ? 7.806   10.825  -6.747  1.00 27.72 ? 31  ALA A CA 1 
ATOM 28  C CA . ASN A 1 32  ? 11.549  10.451  -6.811  1.00 44.16 ? 32  ASN A CA 1 
ATOM 29  C CA . ALA A 1 33  ? 12.390  6.719   -6.806  1.00 37.43 ? 33  ALA A CA 1 
ATOM 30  C CA . GLN A 1 34  ? 11.505  5.874   -3.206  1.00 24.08 ? 34  GLN A CA 1 
ATOM 31  C CA . TYR A 1 35  ? 8.176   7.802   -2.689  1.00 11.87 ? 35  TYR A CA 1 
ATOM 32  C CA . LEU A 1 36  ? 4.726   8.104   -3.996  1.00 9.65  ? 36  LEU A CA 1 
ATOM 33  C CA . THR A 1 37  ? 2.320   11.040  -4.293  1.00 10.50 ? 37  THR A CA 1 
ATOM 34  C CA . ALA A 1 38  ? -1.254  11.280  -5.439  1.00 9.35  ? 38  ALA A CA 1 
ATOM 35  C CA . ALA A 1 39  ? -2.197  13.562  -8.282  1.00 13.64 ? 39  ALA A CA 1 
ATOM 36  C CA . ALA A 1 40  ? -5.452  13.746  -10.336 1.00 7.61  ? 40  ALA A CA 1 
ATOM 37  C CA . LEU A 1 41  ? -4.614  12.457  -13.820 1.00 14.03 ? 41  LEU A CA 1 
ATOM 38  C CA . HIS A 1 42  ? -5.936  13.240  -17.295 1.00 32.18 ? 42  HIS A CA 1 
ATOM 39  C CA . ASN A 1 43  ? -4.344  10.050  -18.533 1.00 43.91 ? 43  ASN A CA 1 
ATOM 40  C CA . LEU A 1 44  ? -4.350  6.974   -16.245 1.00 34.71 ? 44  LEU A CA 1 
ATOM 41  C CA . ASP A 1 45  ? -1.306  5.538   -18.197 1.00 39.96 ? 45  ASP A CA 1 
ATOM 42  C CA . GLU A 1 46  ? 0.692   7.749   -15.759 1.00 32.28 ? 46  GLU A CA 1 
ATOM 43  C CA . ALA A 1 47  ? -0.586  5.965   -12.611 1.00 17.23 ? 47  ALA A CA 1 
ATOM 44  C CA . VAL A 1 48  ? 1.583   3.272   -10.865 1.00 15.50 ? 48  VAL A CA 1 
ATOM 45  C CA . LYS A 1 49  ? 0.305   -0.351  -11.192 1.00 15.03 ? 49  LYS A CA 1 
ATOM 46  C CA . PHE A 1 50  ? 0.475   -2.433  -8.162  1.00 9.20  ? 50  PHE A CA 1 
ATOM 47  C CA . ASP A 1 51  ? 0.484   -6.102  -7.474  1.00 5.82  ? 51  ASP A CA 1 
ATOM 48  C CA . MET A 1 52  ? -1.131  -7.239  -4.322  1.00 11.17 ? 52  MET A CA 1 
ATOM 49  C CA . GLY A 1 53  ? -0.015  -10.448 -2.632  1.00 13.33 ? 53  GLY A CA 1 
ATOM 50  C CA . ALA A 1 54  ? -1.816  -12.164 0.234   1.00 6.76  ? 54  ALA A CA 1 
ATOM 51  C CA . TYR A 1 55  ? -0.174  -13.559 3.342   1.00 12.83 ? 55  TYR A CA 1 
ATOM 52  C CA . LYS A 1 56  ? -1.596  -15.750 6.161   1.00 19.19 ? 56  LYS A CA 1 
ATOM 53  C CA . SER A 1 57  ? -1.013  -15.259 9.891   1.00 36.82 ? 57  SER A CA 1 
ATOM 54  C CA . SER A 1 58  ? 0.417   -17.821 12.331  1.00 51.48 ? 58  SER A CA 1 
ATOM 55  C CA . ALA A 1 62  ? -10.126 -12.091 11.424  1.00 39.44 ? 62  ALA A CA 1 
ATOM 56  C CA . LYS A 1 63  ? -8.148  -10.213 8.683   1.00 31.45 ? 63  LYS A CA 1 
ATOM 57  C CA . ILE A 1 64  ? -6.782  -10.361 5.118   1.00 18.77 ? 64  ILE A CA 1 
ATOM 58  C CA . THR A 1 65  ? -3.079  -9.404  5.154   1.00 14.56 ? 65  THR A CA 1 
ATOM 59  C CA . VAL A 1 66  ? -1.406  -8.010  2.011   1.00 5.17  ? 66  VAL A CA 1 
ATOM 60  C CA . ILE A 1 67  ? 1.935   -6.784  0.629   1.00 5.62  ? 67  ILE A CA 1 
ATOM 61  C CA . LEU A 1 68  ? 1.887   -4.162  -2.126  1.00 6.04  ? 68  LEU A CA 1 
ATOM 62  C CA . ARG A 1 69  ? 4.341   -4.262  -4.969  1.00 7.10  ? 69  ARG A CA 1 
ATOM 63  C CA . ILE A 1 70  ? 4.801   -1.973  -8.008  1.00 12.00 ? 70  ILE A CA 1 
ATOM 64  C CA . SER A 1 71  ? 4.164   -4.177  -11.126 1.00 11.48 ? 71  SER A CA 1 
ATOM 65  C CA . LYS A 1 72  ? 7.224   -5.363  -13.060 1.00 15.81 ? 72  LYS A CA 1 
ATOM 66  C CA . THR A 1 73  ? 9.726   -4.315  -10.373 1.00 13.98 ? 73  THR A CA 1 
ATOM 67  C CA . GLN A 1 74  ? 10.916  -5.719  -7.107  1.00 19.08 ? 74  GLN A CA 1 
ATOM 68  C CA . LEU A 1 75  ? 9.805   -2.627  -5.176  1.00 13.66 ? 75  LEU A CA 1 
ATOM 69  C CA . TYR A 1 76  ? 7.513   -3.199  -2.258  1.00 13.66 ? 76  TYR A CA 1 
ATOM 70  C CA . VAL A 1 77  ? 5.837   -0.430  -0.257  1.00 9.76  ? 77  VAL A CA 1 
ATOM 71  C CA . THR A 1 78  ? 7.060   -0.348  3.253   1.00 15.32 ? 78  THR A CA 1 
ATOM 72  C CA . ALA A 1 79  ? 5.688   1.570   6.185   1.00 13.67 ? 79  ALA A CA 1 
ATOM 73  C CA . GLN A 1 80  ? 7.396   4.008   8.380   1.00 24.92 ? 80  GLN A CA 1 
ATOM 74  C CA . ASP A 1 81  ? 5.575   5.761   11.039  1.00 25.09 ? 81  ASP A CA 1 
ATOM 75  C CA . GLU A 1 82  ? 2.862   8.348   11.509  1.00 18.51 ? 82  GLU A CA 1 
ATOM 76  C CA . ASP A 1 83  ? 3.040   11.077  9.029   1.00 21.13 ? 83  ASP A CA 1 
ATOM 77  C CA . GLN A 1 84  ? 6.359   9.818   7.649   1.00 15.47 ? 84  GLN A CA 1 
ATOM 78  C CA . PRO A 1 85  ? 5.908   8.852   4.033   1.00 17.49 ? 85  PRO A CA 1 
ATOM 79  C CA . VAL A 1 86  ? 5.719   5.168   2.870   1.00 14.01 ? 86  VAL A CA 1 
ATOM 80  C CA . LEU A 1 87  ? 8.925   4.127   1.269   1.00 14.92 ? 87  LEU A CA 1 
ATOM 81  C CA . LEU A 1 88  ? 9.631   1.927   -1.760  1.00 12.66 ? 88  LEU A CA 1 
ATOM 82  C CA . LYS A 1 89  ? 12.040  -0.811  -0.794  1.00 27.99 ? 89  LYS A CA 1 
ATOM 83  C CA . GLU A 1 90  ? 13.706  -3.046  -3.357  1.00 31.33 ? 90  GLU A CA 1 
ATOM 84  C CA . MET A 1 91  ? 13.664  -6.668  -2.541  1.00 24.01 ? 91  MET A CA 1 
ATOM 85  C CA . PRO A 1 92  ? 15.238  -9.528  -4.541  1.00 26.81 ? 92  PRO A CA 1 
ATOM 86  C CA . GLU A 1 93  ? 12.100  -11.767 -4.528  1.00 27.33 ? 93  GLU A CA 1 
ATOM 87  C CA . ILE A 1 94  ? 8.671   -11.433 -2.932  1.00 25.82 ? 94  ILE A CA 1 
ATOM 88  C CA . PRO A 1 95  ? 9.220   -12.732 0.730   1.00 29.94 ? 95  PRO A CA 1 
ATOM 89  C CA . LYS A 1 96  ? 7.918   -16.311 1.581   1.00 30.03 ? 96  LYS A CA 1 
ATOM 90  C CA . THR A 1 97  ? 7.992   -15.715 5.268   1.00 27.60 ? 97  THR A CA 1 
ATOM 91  C CA . ILE A 1 98  ? 7.620   -12.298 6.986   1.00 16.24 ? 98  ILE A CA 1 
ATOM 92  C CA . THR A 1 99  ? 8.097   -11.764 10.694  1.00 22.98 ? 99  THR A CA 1 
ATOM 93  C CA . GLY A 1 100 ? 9.397   -9.240  13.310  1.00 33.58 ? 100 GLY A CA 1 
ATOM 94  C CA . SER A 1 101 ? 10.653  -6.150  11.515  1.00 39.67 ? 101 SER A CA 1 
ATOM 95  C CA . GLU A 1 102 ? 9.512   -7.277  8.060   1.00 30.08 ? 102 GLU A CA 1 
ATOM 96  C CA . THR A 1 103 ? 5.784   -6.657  9.176   1.00 21.20 ? 103 THR A CA 1 
ATOM 97  C CA . ASN A 1 104 ? 6.123   -3.040  8.052   1.00 22.13 ? 104 ASN A CA 1 
ATOM 98  C CA . LEU A 1 105 ? 5.834   -4.507  4.487   1.00 6.28  ? 105 LEU A CA 1 
ATOM 99  C CA . LEU A 1 106 ? 2.365   -5.682  5.517   1.00 9.55  ? 106 LEU A CA 1 
ATOM 100 C CA . PHE A 1 107 ? -1.086  -4.060  5.524   1.00 7.92  ? 107 PHE A CA 1 
ATOM 101 C CA . PHE A 1 108 ? -4.517  -5.463  6.657   1.00 5.15  ? 108 PHE A CA 1 
ATOM 102 C CA . TRP A 1 109 ? -6.932  -4.848  3.709   1.00 6.94  ? 109 TRP A CA 1 
ATOM 103 C CA . GLU A 1 110 ? -10.513 -3.885  4.282   1.00 14.53 ? 110 GLU A CA 1 
ATOM 104 C CA . THR A 1 111 ? -13.322 -3.221  1.929   1.00 3.83  ? 111 THR A CA 1 
ATOM 105 C CA . HIS A 1 112 ? -16.645 -1.474  2.713   1.00 14.78 ? 112 HIS A CA 1 
ATOM 106 C CA . GLY A 1 113 ? -18.527 -1.094  -0.529  1.00 23.16 ? 113 GLY A CA 1 
ATOM 107 C CA . THR A 1 114 ? -16.085 0.439   -3.063  1.00 25.01 ? 114 THR A CA 1 
ATOM 108 C CA . LYS A 1 115 ? -13.797 1.827   -0.353  1.00 20.46 ? 115 LYS A CA 1 
ATOM 109 C CA . ASN A 1 116 ? -10.572 0.179   0.452   1.00 9.91  ? 116 ASN A CA 1 
ATOM 110 C CA . TYR A 1 117 ? -8.485  0.725   3.559   1.00 4.81  ? 117 TYR A CA 1 
ATOM 111 C CA . PHE A 1 118 ? -4.915  -0.526  4.152   1.00 7.57  ? 118 PHE A CA 1 
ATOM 112 C CA . THR A 1 119 ? -3.958  -0.554  7.860   1.00 4.18  ? 119 THR A CA 1 
ATOM 113 C CA . SER A 1 120 ? -0.253  -1.015  8.706   1.00 10.00 ? 120 SER A CA 1 
ATOM 114 C CA . VAL A 1 121 ? 0.006   -4.350  10.632  1.00 16.46 ? 121 VAL A CA 1 
ATOM 115 C CA . ALA A 1 122 ? 3.161   -2.869  12.335  1.00 15.62 ? 122 ALA A CA 1 
ATOM 116 C CA . HIS A 1 123 ? 1.245   0.334   13.240  1.00 20.89 ? 123 HIS A CA 1 
ATOM 117 C CA . PRO A 1 124 ? -2.396  -0.974  13.256  1.00 21.72 ? 124 PRO A CA 1 
ATOM 118 C CA . ASN A 1 125 ? -3.816  2.480   14.011  1.00 28.50 ? 125 ASN A CA 1 
ATOM 119 C CA . LEU A 1 126 ? -2.421  4.071   10.795  1.00 12.99 ? 126 LEU A CA 1 
ATOM 120 C CA . PHE A 1 127 ? -3.653  3.944   7.233   1.00 14.79 ? 127 PHE A CA 1 
ATOM 121 C CA . ILE A 1 128 ? -1.901  4.476   3.906   1.00 9.65  ? 128 ILE A CA 1 
ATOM 122 C CA . ALA A 1 129 ? -3.177  8.027   3.238   1.00 9.74  ? 129 ALA A CA 1 
ATOM 123 C CA . THR A 1 130 ? -2.884  10.883  0.800   1.00 14.09 ? 130 THR A CA 1 
ATOM 124 C CA . LYS A 1 131 ? -2.448  14.576  1.668   1.00 18.60 ? 131 LYS A CA 1 
ATOM 125 C CA . GLN A 1 132 ? -2.677  17.334  -0.975  1.00 20.42 ? 132 GLN A CA 1 
ATOM 126 C CA . ASP A 1 133 ? 0.580   17.967  -2.951  1.00 32.72 ? 133 ASP A CA 1 
ATOM 127 C CA . TYR A 1 134 ? 2.446   15.785  -0.454  1.00 28.52 ? 134 TYR A CA 1 
ATOM 128 C CA . TRP A 1 135 ? 4.082   12.270  -0.272  1.00 23.71 ? 135 TRP A CA 1 
ATOM 129 C CA . VAL A 1 136 ? 1.789   9.118   0.339   1.00 14.30 ? 136 VAL A CA 1 
ATOM 130 C CA . CYS A 1 137 ? 1.879   8.782   4.098   1.00 18.81 ? 137 CYS A CA 1 
ATOM 131 C CA . LEU A 1 138 ? 0.723   6.811   7.169   1.00 12.27 ? 138 LEU A CA 1 
ATOM 132 C CA . ALA A 1 139 ? -2.015  8.831   8.893   1.00 12.66 ? 139 ALA A CA 1 
ATOM 133 C CA . GLY A 1 140 ? -4.484  8.132   11.642  1.00 12.90 ? 140 GLY A CA 1 
ATOM 134 C CA . GLY A 1 141 ? -7.392  9.849   9.755   1.00 21.88 ? 141 GLY A CA 1 
ATOM 135 C CA . PRO A 1 142 ? -8.461  13.413  8.510   1.00 31.87 ? 142 PRO A CA 1 
ATOM 136 C CA . PRO A 1 143 ? -7.458  15.811  6.952   1.00 26.95 ? 143 PRO A CA 1 
ATOM 137 C CA . SER A 1 144 ? -5.543  12.974  5.271   1.00 12.93 ? 144 SER A CA 1 
ATOM 138 C CA . ILE A 1 145 ? -7.662  10.837  2.816   1.00 12.65 ? 145 ILE A CA 1 
ATOM 139 C CA . THR A 1 146 ? -7.641  7.166   4.022   1.00 15.42 ? 146 THR A CA 1 
ATOM 140 C CA . ASP A 1 147 ? -9.990  5.337   1.471   1.00 15.93 ? 147 ASP A CA 1 
ATOM 141 C CA . PHE A 1 148 ? -9.124  4.136   -2.023  1.00 16.05 ? 148 PHE A CA 1 
ATOM 142 C CA . GLN A 1 149 ? -10.728 2.716   -5.162  1.00 16.19 ? 149 GLN A CA 1 
ATOM 143 C CA . ILE A 1 150 ? -8.956  -0.161  -6.869  1.00 16.12 ? 150 ILE A CA 1 
ATOM 144 C CA . LEU A 1 151 ? -9.094  0.180   -10.596 1.00 19.34 ? 151 LEU A CA 1 
ATOM 145 C CA . GLU A 1 152 ? -8.370  -3.179  -12.214 1.00 29.30 ? 152 GLU A CA 1 
# 
